data_8PBO
#
_entry.id   8PBO
#
_cell.length_a   93.413
_cell.length_b   60.611
_cell.length_c   117.945
_cell.angle_alpha   90.000
_cell.angle_beta   102.859
_cell.angle_gamma   90.000
#
_symmetry.space_group_name_H-M   'C 1 2 1'
#
loop_
_entity.id
_entity.type
_entity.pdbx_description
1 polymer 'Peroxisome proliferator-activated receptor gamma'
2 non-polymer '3-[2-fluoranyl-4-[3-[2-fluoranyl-4-(5-methyl-1,3,4-thiadiazol-2-yl)phenoxy]propoxy]phenyl]propanoic acid'
3 non-polymer GLYCEROL
4 non-polymer 'SULFATE ION'
5 water water
#
_entity_poly.entity_id   1
_entity_poly.type   'polypeptide(L)'
_entity_poly.pdbx_seq_one_letter_code
;GLNPESADLRALAKHLYDSYIKSFPLTKAKARAILTGKTTDKSPFVIYDMNSLMMGEDKIKFKHITPLQEQSKEVAIRIF
QGCQFRSVEAVQEITEYAKSIPGFVNLDLNDQVTLLKYGVHEIIYTMLASLMNKDGVLISEGQGFMTREFLKSLRKPFGD
FMEPKFEFAVKFNALELDDSDLAIFIAVIILSGDRPGLLNVKPIEDIQDNLLQALELQLKLNHPESSQLFAKLLQKMTDL
RQIVTEHVQLLQVIKKTETDMSLHPLLQEIYKDLY
;
_entity_poly.pdbx_strand_id   A,B
#
loop_
_chem_comp.id
_chem_comp.type
_chem_comp.name
_chem_comp.formula
GOL non-polymer GLYCEROL 'C3 H8 O3'
SO4 non-polymer 'SULFATE ION' 'O4 S -2'
Y5I non-polymer '3-[2-fluoranyl-4-[3-[2-fluoranyl-4-(5-methyl-1,3,4-thiadiazol-2-yl)phenoxy]propoxy]phenyl]propanoic acid' 'C21 H20 F2 N2 O4 S'
#
# COMPACT_ATOMS: atom_id res chain seq x y z
N GLY A 1 -22.73 -15.87 12.66
CA GLY A 1 -23.83 -15.59 13.65
C GLY A 1 -23.97 -16.60 14.81
N LEU A 2 -22.95 -17.41 15.10
CA LEU A 2 -23.13 -18.60 15.92
C LEU A 2 -23.01 -18.20 17.41
N ASN A 3 -22.36 -17.07 17.71
CA ASN A 3 -22.39 -16.54 19.07
C ASN A 3 -22.85 -15.10 18.97
N PRO A 4 -23.17 -14.45 20.11
CA PRO A 4 -23.71 -13.11 20.10
C PRO A 4 -22.78 -12.07 19.47
N GLU A 5 -21.47 -12.22 19.67
CA GLU A 5 -20.47 -11.29 19.11
C GLU A 5 -20.53 -11.37 17.58
N SER A 6 -20.47 -12.62 17.10
CA SER A 6 -20.48 -12.80 15.68
C SER A 6 -21.87 -12.47 15.07
N ALA A 7 -22.98 -12.63 15.86
CA ALA A 7 -24.28 -12.22 15.36
C ALA A 7 -24.35 -10.69 15.18
N ASP A 8 -23.68 -9.94 16.03
CA ASP A 8 -23.61 -8.48 15.91
C ASP A 8 -22.75 -8.12 14.69
N LEU A 9 -21.72 -8.91 14.39
CA LEU A 9 -20.97 -8.69 13.13
C LEU A 9 -21.82 -8.96 11.91
N ARG A 10 -22.73 -9.95 11.98
CA ARG A 10 -23.65 -10.16 10.88
C ARG A 10 -24.59 -8.97 10.70
N ALA A 11 -25.14 -8.49 11.84
CA ALA A 11 -26.07 -7.37 11.79
C ALA A 11 -25.35 -6.16 11.14
N LEU A 12 -24.07 -5.94 11.48
CA LEU A 12 -23.33 -4.81 10.91
C LEU A 12 -23.13 -5.02 9.40
N ALA A 13 -22.81 -6.24 8.97
CA ALA A 13 -22.68 -6.54 7.54
C ALA A 13 -23.96 -6.29 6.74
N LYS A 14 -25.11 -6.64 7.37
CA LYS A 14 -26.38 -6.54 6.70
C LYS A 14 -26.73 -5.06 6.65
N HIS A 15 -26.47 -4.31 7.73
CA HIS A 15 -26.74 -2.89 7.73
C HIS A 15 -26.01 -2.18 6.59
N LEU A 16 -24.71 -2.44 6.47
CA LEU A 16 -23.89 -1.79 5.44
C LEU A 16 -24.31 -2.20 4.03
N TYR A 17 -24.64 -3.46 3.85
CA TYR A 17 -25.07 -3.92 2.51
C TYR A 17 -26.35 -3.22 2.10
N ASP A 18 -27.28 -3.18 3.07
CA ASP A 18 -28.53 -2.42 2.88
C ASP A 18 -28.30 -0.95 2.50
N SER A 19 -27.40 -0.26 3.20
CA SER A 19 -27.08 1.14 2.92
CA SER A 19 -27.05 1.14 2.93
C SER A 19 -26.39 1.29 1.58
N TYR A 20 -25.53 0.34 1.24
CA TYR A 20 -24.84 0.33 -0.07
C TYR A 20 -25.86 0.24 -1.19
N ILE A 21 -26.82 -0.69 -1.07
CA ILE A 21 -27.84 -0.81 -2.09
C ILE A 21 -28.61 0.50 -2.26
N LYS A 22 -28.91 1.16 -1.13
CA LYS A 22 -29.68 2.40 -1.14
C LYS A 22 -28.84 3.54 -1.72
N SER A 23 -27.52 3.49 -1.63
CA SER A 23 -26.67 4.63 -1.95
C SER A 23 -26.13 4.62 -3.38
N PHE A 24 -25.91 3.41 -3.91
CA PHE A 24 -25.18 3.22 -5.18
C PHE A 24 -26.15 2.59 -6.15
N PRO A 25 -26.65 3.37 -7.13
CA PRO A 25 -27.66 2.86 -8.06
C PRO A 25 -27.21 1.79 -9.06
N LEU A 26 -25.92 1.71 -9.39
CA LEU A 26 -25.45 0.67 -10.29
C LEU A 26 -24.53 -0.26 -9.50
N THR A 27 -25.07 -1.40 -9.11
CA THR A 27 -24.33 -2.37 -8.34
C THR A 27 -23.43 -3.23 -9.24
N LYS A 28 -22.52 -3.96 -8.61
CA LYS A 28 -21.78 -4.97 -9.32
C LYS A 28 -22.73 -6.00 -9.95
N ALA A 29 -23.78 -6.42 -9.24
CA ALA A 29 -24.62 -7.48 -9.77
C ALA A 29 -25.33 -7.00 -11.05
N LYS A 30 -25.76 -5.75 -11.08
CA LYS A 30 -26.34 -5.19 -12.29
C LYS A 30 -25.30 -4.98 -13.40
N ALA A 31 -24.12 -4.50 -13.07
CA ALA A 31 -23.04 -4.35 -14.05
C ALA A 31 -22.72 -5.69 -14.73
N ARG A 32 -22.59 -6.75 -13.93
CA ARG A 32 -22.25 -8.09 -14.40
C ARG A 32 -23.39 -8.62 -15.26
N ALA A 33 -24.59 -8.27 -14.95
CA ALA A 33 -25.68 -8.72 -15.75
C ALA A 33 -25.66 -7.99 -17.08
N ILE A 34 -25.33 -6.68 -17.13
CA ILE A 34 -25.18 -5.98 -18.40
C ILE A 34 -23.99 -6.57 -19.19
N LEU A 35 -22.84 -6.76 -18.57
CA LEU A 35 -21.63 -7.18 -19.31
C LEU A 35 -21.78 -8.58 -19.85
N THR A 36 -22.44 -9.47 -19.10
CA THR A 36 -22.40 -10.87 -19.48
C THR A 36 -23.62 -11.24 -20.32
N GLY A 37 -24.40 -10.26 -20.79
CA GLY A 37 -25.58 -10.57 -21.60
C GLY A 37 -26.74 -11.27 -20.81
N LYS A 38 -26.82 -11.11 -19.46
CA LYS A 38 -28.01 -11.69 -18.76
C LYS A 38 -29.35 -11.02 -19.15
N THR A 39 -30.47 -11.82 -19.10
CA THR A 39 -31.78 -11.33 -19.50
C THR A 39 -32.56 -10.47 -18.48
N THR A 40 -31.98 -10.13 -17.32
CA THR A 40 -32.50 -9.19 -16.34
C THR A 40 -32.25 -7.76 -16.86
N ASP A 41 -31.33 -7.61 -17.84
CA ASP A 41 -30.89 -6.26 -18.27
C ASP A 41 -30.49 -6.09 -19.74
N LYS A 42 -30.21 -4.83 -19.99
CA LYS A 42 -30.29 -4.40 -21.37
C LYS A 42 -28.84 -4.28 -21.84
N SER A 43 -28.64 -4.76 -23.04
CA SER A 43 -27.32 -4.76 -23.67
C SER A 43 -26.89 -3.33 -23.85
N PRO A 44 -25.61 -2.99 -23.63
CA PRO A 44 -25.10 -1.64 -23.88
C PRO A 44 -24.71 -1.33 -25.31
N PHE A 45 -24.77 -0.05 -25.66
CA PHE A 45 -24.25 0.39 -26.95
C PHE A 45 -22.74 0.52 -26.80
N VAL A 46 -21.98 0.04 -27.75
CA VAL A 46 -20.53 -0.08 -27.60
C VAL A 46 -19.81 1.00 -28.42
N ILE A 47 -18.96 1.76 -27.73
CA ILE A 47 -18.18 2.83 -28.34
C ILE A 47 -16.74 2.36 -28.43
N TYR A 48 -16.22 2.27 -29.65
CA TYR A 48 -14.92 1.67 -29.90
C TYR A 48 -14.11 2.53 -30.86
N ASP A 49 -14.67 3.62 -31.35
CA ASP A 49 -14.00 4.49 -32.30
C ASP A 49 -14.79 5.79 -32.42
N MET A 50 -14.35 6.70 -33.31
CA MET A 50 -14.90 8.05 -33.34
C MET A 50 -16.34 7.98 -33.85
N ASN A 51 -16.60 7.19 -34.89
CA ASN A 51 -17.95 7.16 -35.44
C ASN A 51 -18.91 6.55 -34.43
N SER A 52 -18.46 5.50 -33.73
CA SER A 52 -19.37 4.94 -32.76
C SER A 52 -19.50 5.91 -31.58
N LEU A 53 -18.47 6.70 -31.27
CA LEU A 53 -18.65 7.69 -30.21
C LEU A 53 -19.73 8.70 -30.64
N MET A 54 -19.70 9.16 -31.89
CA MET A 54 -20.71 10.07 -32.46
CA MET A 54 -20.72 10.11 -32.32
C MET A 54 -22.11 9.46 -32.37
N MET A 55 -22.26 8.20 -32.82
CA MET A 55 -23.55 7.50 -32.73
C MET A 55 -24.02 7.42 -31.25
N GLY A 56 -23.05 7.20 -30.37
CA GLY A 56 -23.35 6.96 -28.97
C GLY A 56 -23.96 8.19 -28.33
N GLU A 57 -23.39 9.35 -28.69
CA GLU A 57 -23.81 10.67 -28.25
C GLU A 57 -25.30 10.81 -28.54
N ASP A 58 -25.77 10.29 -29.69
CA ASP A 58 -27.19 10.34 -30.04
C ASP A 58 -27.99 9.30 -29.25
N LYS A 59 -27.46 8.07 -29.15
CA LYS A 59 -28.20 6.95 -28.58
C LYS A 59 -28.24 7.06 -27.05
N ILE A 60 -27.09 7.29 -26.42
CA ILE A 60 -27.05 7.32 -24.96
C ILE A 60 -27.49 8.70 -24.49
N LYS A 61 -27.05 9.74 -25.21
CA LYS A 61 -27.28 11.14 -24.86
C LYS A 61 -26.41 11.57 -23.66
N PHE A 62 -26.21 10.73 -22.65
CA PHE A 62 -25.33 11.07 -21.53
C PHE A 62 -26.15 11.94 -20.56
N LYS A 73 -13.93 21.73 -28.18
CA LYS A 73 -13.73 20.55 -27.30
C LYS A 73 -13.26 19.34 -28.12
N GLU A 74 -12.01 18.99 -27.89
CA GLU A 74 -11.49 17.73 -28.34
C GLU A 74 -12.18 16.58 -27.66
N VAL A 75 -12.08 15.44 -28.35
CA VAL A 75 -12.71 14.20 -27.93
C VAL A 75 -12.03 13.76 -26.64
N ALA A 76 -10.70 13.88 -26.55
CA ALA A 76 -9.99 13.42 -25.36
C ALA A 76 -10.42 14.16 -24.10
N ILE A 77 -10.63 15.47 -24.26
CA ILE A 77 -10.99 16.34 -23.15
C ILE A 77 -12.42 16.07 -22.74
N ARG A 78 -13.33 15.87 -23.69
CA ARG A 78 -14.71 15.58 -23.36
C ARG A 78 -14.73 14.30 -22.55
N ILE A 79 -13.96 13.30 -22.97
CA ILE A 79 -14.00 12.02 -22.27
C ILE A 79 -13.45 12.20 -20.87
N PHE A 80 -12.26 12.81 -20.79
CA PHE A 80 -11.63 13.06 -19.49
C PHE A 80 -12.56 13.79 -18.51
N GLN A 81 -13.21 14.83 -18.98
CA GLN A 81 -14.16 15.57 -18.17
C GLN A 81 -15.40 14.74 -17.84
N GLY A 82 -15.87 13.92 -18.75
CA GLY A 82 -16.96 13.02 -18.44
C GLY A 82 -16.60 12.12 -17.23
N CYS A 83 -15.35 11.61 -17.15
CA CYS A 83 -14.90 10.81 -16.01
C CYS A 83 -14.92 11.64 -14.74
N GLN A 84 -14.55 12.91 -14.84
CA GLN A 84 -14.68 13.78 -13.68
C GLN A 84 -16.12 14.01 -13.25
N PHE A 85 -17.07 14.22 -14.18
CA PHE A 85 -18.46 14.37 -13.76
C PHE A 85 -18.92 13.09 -13.04
N ARG A 86 -18.52 11.95 -13.54
CA ARG A 86 -18.88 10.68 -12.92
C ARG A 86 -18.26 10.59 -11.52
N SER A 87 -17.01 11.04 -11.34
CA SER A 87 -16.40 11.04 -10.02
C SER A 87 -17.21 11.93 -9.08
N VAL A 88 -17.69 13.09 -9.57
CA VAL A 88 -18.48 13.95 -8.69
C VAL A 88 -19.78 13.28 -8.26
N GLU A 89 -20.48 12.58 -9.16
CA GLU A 89 -21.63 11.82 -8.74
C GLU A 89 -21.24 10.74 -7.73
N ALA A 90 -20.08 10.10 -7.95
CA ALA A 90 -19.65 9.04 -7.06
C ALA A 90 -19.39 9.60 -5.66
N VAL A 91 -18.80 10.80 -5.58
CA VAL A 91 -18.51 11.44 -4.31
C VAL A 91 -19.81 11.66 -3.56
N GLN A 92 -20.86 12.11 -4.26
CA GLN A 92 -22.16 12.31 -3.67
C GLN A 92 -22.68 11.01 -3.06
N GLU A 93 -22.57 9.94 -3.83
CA GLU A 93 -23.09 8.66 -3.35
C GLU A 93 -22.25 8.15 -2.19
N ILE A 94 -20.92 8.24 -2.30
CA ILE A 94 -20.02 7.78 -1.20
C ILE A 94 -20.26 8.57 0.06
N THR A 95 -20.50 9.88 -0.07
CA THR A 95 -20.78 10.66 1.12
C THR A 95 -22.05 10.20 1.84
N GLU A 96 -23.10 9.89 1.09
CA GLU A 96 -24.31 9.43 1.72
C GLU A 96 -24.12 8.06 2.33
N TYR A 97 -23.33 7.21 1.71
CA TYR A 97 -23.01 5.92 2.30
C TYR A 97 -22.22 6.14 3.58
N ALA A 98 -21.23 7.00 3.55
CA ALA A 98 -20.34 7.19 4.68
C ALA A 98 -21.14 7.53 5.95
N LYS A 99 -22.14 8.42 5.79
CA LYS A 99 -23.02 8.83 6.86
C LYS A 99 -23.74 7.68 7.53
N SER A 100 -23.99 6.59 6.76
CA SER A 100 -24.65 5.41 7.29
C SER A 100 -23.70 4.51 8.09
N ILE A 101 -22.37 4.76 8.06
CA ILE A 101 -21.46 3.85 8.77
C ILE A 101 -21.52 4.16 10.26
N PRO A 102 -21.85 3.17 11.15
CA PRO A 102 -22.10 3.52 12.55
C PRO A 102 -20.85 4.19 13.13
N GLY A 103 -21.06 5.35 13.77
CA GLY A 103 -20.03 6.14 14.41
C GLY A 103 -19.47 7.27 13.53
N PHE A 104 -19.53 7.18 12.18
CA PHE A 104 -18.89 8.15 11.33
C PHE A 104 -19.38 9.56 11.64
N VAL A 105 -20.69 9.81 11.69
CA VAL A 105 -21.22 11.17 11.82
C VAL A 105 -21.01 11.72 13.23
N ASN A 106 -20.61 10.87 14.16
CA ASN A 106 -20.32 11.31 15.51
C ASN A 106 -18.86 11.76 15.64
N LEU A 107 -18.01 11.51 14.62
CA LEU A 107 -16.63 11.92 14.71
C LEU A 107 -16.54 13.42 14.59
N ASP A 108 -15.42 13.94 15.07
CA ASP A 108 -15.03 15.31 14.78
C ASP A 108 -15.28 15.66 13.30
N LEU A 109 -15.88 16.81 13.05
CA LEU A 109 -16.26 17.16 11.69
C LEU A 109 -15.05 17.31 10.77
N ASN A 110 -13.92 17.75 11.33
CA ASN A 110 -12.72 17.91 10.54
C ASN A 110 -12.26 16.54 10.08
N ASP A 111 -12.38 15.55 10.95
CA ASP A 111 -11.94 14.23 10.57
C ASP A 111 -12.94 13.61 9.58
N GLN A 112 -14.24 13.90 9.68
CA GLN A 112 -15.20 13.42 8.65
C GLN A 112 -14.72 13.90 7.27
N VAL A 113 -14.36 15.19 7.21
CA VAL A 113 -13.92 15.77 5.95
C VAL A 113 -12.61 15.13 5.48
N THR A 114 -11.65 14.96 6.37
CA THR A 114 -10.39 14.31 5.97
C THR A 114 -10.59 12.87 5.46
N LEU A 115 -11.35 12.08 6.19
CA LEU A 115 -11.65 10.70 5.80
C LEU A 115 -12.32 10.65 4.43
N LEU A 116 -13.21 11.57 4.13
CA LEU A 116 -13.82 11.56 2.79
C LEU A 116 -12.77 11.97 1.77
N LYS A 117 -12.04 13.02 2.05
CA LYS A 117 -11.08 13.58 1.11
C LYS A 117 -10.12 12.51 0.61
N TYR A 118 -9.58 11.71 1.53
CA TYR A 118 -8.57 10.72 1.17
C TYR A 118 -9.19 9.40 0.83
N GLY A 119 -10.47 9.18 1.16
CA GLY A 119 -11.04 7.87 0.86
C GLY A 119 -11.80 7.79 -0.46
N VAL A 120 -12.30 8.92 -1.02
CA VAL A 120 -13.30 8.77 -2.03
C VAL A 120 -12.68 8.23 -3.31
N HIS A 121 -11.47 8.66 -3.65
CA HIS A 121 -10.90 8.10 -4.87
C HIS A 121 -10.58 6.64 -4.74
N GLU A 122 -10.05 6.17 -3.63
CA GLU A 122 -9.79 4.72 -3.46
C GLU A 122 -11.08 3.90 -3.66
N ILE A 123 -12.20 4.47 -3.17
CA ILE A 123 -13.49 3.83 -3.30
CA ILE A 123 -13.48 3.82 -3.30
C ILE A 123 -13.91 3.87 -4.77
N ILE A 124 -13.73 5.04 -5.42
CA ILE A 124 -14.14 5.17 -6.82
C ILE A 124 -13.45 4.13 -7.71
N TYR A 125 -12.15 3.86 -7.47
CA TYR A 125 -11.45 2.90 -8.33
C TYR A 125 -11.83 1.47 -7.92
N THR A 126 -12.13 1.25 -6.64
CA THR A 126 -12.60 -0.10 -6.22
C THR A 126 -13.88 -0.44 -6.98
N MET A 127 -14.81 0.51 -6.98
CA MET A 127 -16.14 0.26 -7.49
C MET A 127 -16.12 0.37 -9.04
N LEU A 128 -15.19 1.15 -9.60
CA LEU A 128 -14.97 1.16 -11.05
C LEU A 128 -14.66 -0.24 -11.61
N ALA A 129 -13.93 -1.06 -10.82
CA ALA A 129 -13.64 -2.39 -11.25
C ALA A 129 -14.92 -3.21 -11.50
N SER A 130 -15.98 -2.99 -10.71
CA SER A 130 -17.23 -3.69 -10.90
C SER A 130 -17.77 -3.44 -12.29
N LEU A 131 -17.48 -2.28 -12.89
CA LEU A 131 -18.01 -1.93 -14.21
C LEU A 131 -17.03 -2.25 -15.34
N MET A 132 -15.92 -2.92 -15.04
CA MET A 132 -14.87 -3.19 -16.03
C MET A 132 -14.70 -4.69 -16.32
N ASN A 133 -14.25 -5.00 -17.54
CA ASN A 133 -13.57 -6.26 -17.80
C ASN A 133 -12.30 -5.90 -18.56
N LYS A 134 -11.54 -6.87 -19.03
CA LYS A 134 -10.26 -6.53 -19.63
C LYS A 134 -10.43 -5.78 -20.97
N ASP A 135 -11.64 -5.73 -21.56
CA ASP A 135 -11.87 -5.08 -22.85
C ASP A 135 -12.49 -3.69 -22.78
N GLY A 136 -13.03 -3.30 -21.61
CA GLY A 136 -13.65 -1.99 -21.54
C GLY A 136 -14.46 -1.76 -20.29
N VAL A 137 -15.21 -0.67 -20.31
CA VAL A 137 -15.86 -0.17 -19.13
C VAL A 137 -17.29 0.31 -19.42
N LEU A 138 -18.25 -0.03 -18.53
CA LEU A 138 -19.60 0.50 -18.61
C LEU A 138 -19.58 1.97 -18.33
N ILE A 139 -20.40 2.73 -19.07
CA ILE A 139 -20.57 4.17 -18.83
C ILE A 139 -22.06 4.49 -18.86
N SER A 140 -22.43 5.71 -18.48
CA SER A 140 -23.80 6.21 -18.43
C SER A 140 -24.76 5.19 -17.81
N GLU A 141 -24.43 4.85 -16.59
CA GLU A 141 -25.16 3.92 -15.79
C GLU A 141 -25.41 2.61 -16.52
N GLY A 142 -24.47 2.14 -17.33
CA GLY A 142 -24.63 0.87 -17.97
C GLY A 142 -25.32 0.92 -19.33
N GLN A 143 -25.69 2.13 -19.85
CA GLN A 143 -26.28 2.19 -21.17
C GLN A 143 -25.22 2.03 -22.27
N GLY A 144 -23.96 2.41 -21.98
CA GLY A 144 -22.90 2.31 -22.95
C GLY A 144 -21.72 1.48 -22.40
N PHE A 145 -20.82 1.09 -23.29
CA PHE A 145 -19.59 0.38 -22.95
C PHE A 145 -18.53 0.94 -23.86
N MET A 146 -17.48 1.48 -23.28
CA MET A 146 -16.38 2.08 -24.02
C MET A 146 -15.16 1.19 -23.95
N THR A 147 -14.59 0.89 -25.13
CA THR A 147 -13.52 -0.09 -25.14
C THR A 147 -12.23 0.49 -24.53
N ARG A 148 -11.47 -0.42 -23.93
CA ARG A 148 -10.15 -0.12 -23.45
C ARG A 148 -9.22 0.28 -24.58
N GLU A 149 -9.36 -0.31 -25.79
CA GLU A 149 -8.49 0.11 -26.88
C GLU A 149 -8.83 1.53 -27.33
N PHE A 150 -10.12 1.93 -27.33
CA PHE A 150 -10.44 3.28 -27.73
C PHE A 150 -9.91 4.30 -26.72
N LEU A 151 -10.03 4.02 -25.42
CA LEU A 151 -9.42 4.85 -24.39
C LEU A 151 -7.88 4.95 -24.60
N LYS A 152 -7.15 3.84 -24.87
CA LYS A 152 -5.74 3.98 -25.20
C LYS A 152 -5.40 4.81 -26.42
N SER A 153 -6.33 5.04 -27.32
CA SER A 153 -6.01 5.71 -28.58
C SER A 153 -6.03 7.23 -28.41
N LEU A 154 -6.40 7.76 -27.24
CA LEU A 154 -6.61 9.21 -27.17
C LEU A 154 -5.27 9.95 -27.22
N ARG A 155 -5.28 11.18 -27.72
CA ARG A 155 -4.06 11.99 -27.84
C ARG A 155 -3.40 12.29 -26.49
N LYS A 156 -2.10 12.42 -26.52
CA LYS A 156 -1.31 12.84 -25.39
C LYS A 156 -1.83 14.20 -24.95
N PRO A 157 -1.87 14.53 -23.62
CA PRO A 157 -1.43 13.64 -22.55
C PRO A 157 -2.46 12.67 -21.92
N PHE A 158 -3.53 12.35 -22.65
CA PHE A 158 -4.65 11.57 -22.14
C PHE A 158 -4.60 10.11 -22.58
N GLY A 159 -3.53 9.70 -23.22
CA GLY A 159 -3.54 8.41 -23.92
C GLY A 159 -3.53 7.18 -23.01
N ASP A 160 -3.12 7.32 -21.75
CA ASP A 160 -3.06 6.17 -20.89
C ASP A 160 -3.74 6.39 -19.54
N PHE A 161 -4.65 7.37 -19.38
CA PHE A 161 -5.11 7.64 -18.05
C PHE A 161 -5.97 6.50 -17.46
N MET A 162 -6.48 5.59 -18.32
CA MET A 162 -7.39 4.55 -17.86
C MET A 162 -6.63 3.25 -17.63
N GLU A 163 -5.44 3.13 -18.18
CA GLU A 163 -4.71 1.84 -18.07
C GLU A 163 -4.46 1.35 -16.66
N PRO A 164 -4.03 2.16 -15.70
CA PRO A 164 -3.82 1.66 -14.36
C PRO A 164 -5.10 1.16 -13.69
N LYS A 165 -6.24 1.76 -14.06
CA LYS A 165 -7.52 1.38 -13.50
C LYS A 165 -7.94 0.02 -14.09
N PHE A 166 -7.74 -0.24 -15.41
CA PHE A 166 -8.03 -1.52 -16.02
C PHE A 166 -7.10 -2.59 -15.42
N GLU A 167 -5.80 -2.26 -15.24
CA GLU A 167 -4.83 -3.28 -14.75
C GLU A 167 -5.24 -3.71 -13.34
N PHE A 168 -5.62 -2.72 -12.51
CA PHE A 168 -6.15 -2.99 -11.20
C PHE A 168 -7.40 -3.85 -11.29
N ALA A 169 -8.36 -3.44 -12.11
CA ALA A 169 -9.64 -4.14 -12.16
C ALA A 169 -9.49 -5.59 -12.50
N VAL A 170 -8.64 -5.91 -13.48
CA VAL A 170 -8.55 -7.30 -13.87
C VAL A 170 -8.05 -8.19 -12.74
N LYS A 171 -7.10 -7.66 -11.98
CA LYS A 171 -6.57 -8.38 -10.82
C LYS A 171 -7.57 -8.34 -9.66
N PHE A 172 -8.25 -7.24 -9.49
CA PHE A 172 -9.21 -7.17 -8.36
C PHE A 172 -10.44 -8.07 -8.62
N ASN A 173 -10.88 -8.11 -9.87
CA ASN A 173 -12.06 -8.87 -10.26
C ASN A 173 -11.84 -10.37 -10.08
N ALA A 174 -10.59 -10.80 -10.05
CA ALA A 174 -10.32 -12.23 -9.90
C ALA A 174 -10.59 -12.64 -8.45
N LEU A 175 -10.72 -11.68 -7.53
CA LEU A 175 -11.14 -12.05 -6.17
C LEU A 175 -12.60 -12.52 -6.11
N GLU A 176 -13.40 -12.14 -7.11
CA GLU A 176 -14.81 -12.54 -7.23
C GLU A 176 -15.65 -12.05 -6.06
N LEU A 177 -15.47 -10.83 -5.69
CA LEU A 177 -16.26 -10.25 -4.59
C LEU A 177 -17.65 -9.85 -5.11
N ASP A 178 -18.62 -9.84 -4.20
CA ASP A 178 -19.96 -9.42 -4.56
C ASP A 178 -20.24 -8.15 -3.77
N ASP A 179 -21.40 -7.54 -4.05
CA ASP A 179 -21.76 -6.29 -3.46
C ASP A 179 -21.77 -6.38 -1.94
N SER A 180 -22.23 -7.51 -1.36
CA SER A 180 -22.28 -7.64 0.07
C SER A 180 -20.88 -7.57 0.68
N ASP A 181 -19.86 -8.07 -0.05
CA ASP A 181 -18.46 -8.00 0.39
C ASP A 181 -17.96 -6.55 0.27
N LEU A 182 -18.23 -5.97 -0.89
CA LEU A 182 -17.78 -4.62 -1.24
C LEU A 182 -18.27 -3.57 -0.25
N ALA A 183 -19.55 -3.70 0.15
CA ALA A 183 -20.10 -2.77 1.11
C ALA A 183 -19.19 -2.65 2.33
N ILE A 184 -18.71 -3.77 2.89
CA ILE A 184 -17.91 -3.65 4.08
C ILE A 184 -16.50 -3.12 3.77
N PHE A 185 -15.93 -3.57 2.68
CA PHE A 185 -14.59 -3.17 2.28
C PHE A 185 -14.57 -1.67 2.09
N ILE A 186 -15.57 -1.10 1.44
CA ILE A 186 -15.56 0.34 1.21
CA ILE A 186 -15.46 0.34 1.22
C ILE A 186 -15.61 1.09 2.55
N ALA A 187 -16.41 0.56 3.50
CA ALA A 187 -16.44 1.21 4.81
C ALA A 187 -15.07 1.16 5.48
N VAL A 188 -14.39 -0.01 5.39
CA VAL A 188 -13.05 -0.10 5.97
C VAL A 188 -12.14 0.97 5.36
N ILE A 189 -12.20 1.15 4.03
CA ILE A 189 -11.37 2.15 3.36
C ILE A 189 -11.59 3.53 3.95
N ILE A 190 -12.85 3.91 4.13
CA ILE A 190 -13.15 5.26 4.61
C ILE A 190 -12.61 5.48 6.04
N LEU A 191 -12.80 4.50 6.95
CA LEU A 191 -12.45 4.62 8.36
C LEU A 191 -10.98 4.20 8.52
N SER A 192 -10.10 4.86 7.79
CA SER A 192 -8.66 4.62 7.87
C SER A 192 -8.03 5.65 8.80
N GLY A 193 -7.37 5.16 9.83
CA GLY A 193 -6.75 5.97 10.88
C GLY A 193 -5.42 6.59 10.49
N ASP A 194 -4.93 6.30 9.28
CA ASP A 194 -3.58 6.68 8.89
C ASP A 194 -3.72 7.78 7.83
N ARG A 195 -4.91 8.36 7.62
CA ARG A 195 -5.00 9.49 6.70
C ARG A 195 -4.22 10.63 7.32
N PRO A 196 -3.52 11.43 6.52
CA PRO A 196 -2.84 12.62 7.04
C PRO A 196 -3.78 13.63 7.68
N GLY A 197 -3.34 14.26 8.79
CA GLY A 197 -4.03 15.40 9.40
C GLY A 197 -5.20 15.03 10.32
N LEU A 198 -5.36 13.76 10.67
CA LEU A 198 -6.53 13.42 11.48
C LEU A 198 -6.29 13.93 12.89
N LEU A 199 -7.33 14.45 13.52
CA LEU A 199 -7.23 14.96 14.88
C LEU A 199 -7.39 13.87 15.92
N ASN A 200 -8.33 12.93 15.74
CA ASN A 200 -8.49 11.89 16.75
C ASN A 200 -8.57 10.54 16.08
N VAL A 201 -7.41 9.86 16.12
CA VAL A 201 -7.20 8.61 15.45
C VAL A 201 -7.94 7.49 16.14
N LYS A 202 -8.00 7.55 17.47
CA LYS A 202 -8.42 6.38 18.22
C LYS A 202 -9.89 6.07 17.91
N PRO A 203 -10.85 7.02 17.99
CA PRO A 203 -12.25 6.72 17.64
C PRO A 203 -12.43 6.16 16.22
N ILE A 204 -11.60 6.60 15.28
CA ILE A 204 -11.58 6.05 13.94
C ILE A 204 -11.19 4.57 13.92
N GLU A 205 -10.07 4.26 14.54
CA GLU A 205 -9.58 2.90 14.57
C GLU A 205 -10.52 1.98 15.32
N ASP A 206 -11.25 2.48 16.33
CA ASP A 206 -12.19 1.60 17.01
C ASP A 206 -13.31 1.18 16.06
N ILE A 207 -13.76 2.13 15.24
CA ILE A 207 -14.75 1.79 14.27
C ILE A 207 -14.18 0.86 13.21
N GLN A 208 -12.99 1.26 12.67
CA GLN A 208 -12.37 0.42 11.65
C GLN A 208 -12.18 -1.00 12.19
N ASP A 209 -11.83 -1.14 13.47
CA ASP A 209 -11.69 -2.50 14.01
C ASP A 209 -12.94 -3.34 13.84
N ASN A 210 -14.07 -2.73 14.20
CA ASN A 210 -15.35 -3.41 14.11
CA ASN A 210 -15.34 -3.45 14.12
C ASN A 210 -15.66 -3.77 12.66
N LEU A 211 -15.42 -2.81 11.76
CA LEU A 211 -15.64 -3.08 10.35
C LEU A 211 -14.79 -4.24 9.81
N LEU A 212 -13.53 -4.26 10.18
CA LEU A 212 -12.63 -5.32 9.81
C LEU A 212 -13.08 -6.65 10.34
N GLN A 213 -13.55 -6.67 11.59
CA GLN A 213 -14.06 -7.92 12.11
C GLN A 213 -15.25 -8.36 11.28
N ALA A 214 -16.10 -7.42 10.86
CA ALA A 214 -17.31 -7.83 10.16
C ALA A 214 -16.91 -8.33 8.74
N LEU A 215 -15.97 -7.61 8.11
CA LEU A 215 -15.49 -8.01 6.77
C LEU A 215 -14.93 -9.42 6.80
N GLU A 216 -14.06 -9.67 7.78
CA GLU A 216 -13.44 -10.96 7.93
C GLU A 216 -14.48 -12.06 8.04
N LEU A 217 -15.50 -11.91 8.92
CA LEU A 217 -16.51 -12.97 9.02
C LEU A 217 -17.36 -13.08 7.75
N GLN A 218 -17.63 -11.93 7.11
CA GLN A 218 -18.37 -11.97 5.84
C GLN A 218 -17.65 -12.76 4.77
N LEU A 219 -16.31 -12.64 4.71
CA LEU A 219 -15.63 -13.34 3.63
C LEU A 219 -15.53 -14.82 3.95
N LYS A 220 -15.42 -15.21 5.23
CA LYS A 220 -15.36 -16.62 5.57
C LYS A 220 -16.70 -17.29 5.29
N LEU A 221 -17.83 -16.63 5.55
CA LEU A 221 -19.15 -17.21 5.30
C LEU A 221 -19.44 -17.23 3.82
N ASN A 222 -19.13 -16.14 3.09
CA ASN A 222 -19.59 -15.95 1.75
C ASN A 222 -18.60 -16.59 0.80
N HIS A 223 -17.35 -16.79 1.22
CA HIS A 223 -16.34 -17.40 0.39
C HIS A 223 -15.58 -18.44 1.19
N PRO A 224 -16.28 -19.50 1.67
CA PRO A 224 -15.72 -20.47 2.63
C PRO A 224 -14.56 -21.29 2.09
N GLU A 225 -14.44 -21.34 0.78
CA GLU A 225 -13.45 -22.12 0.11
C GLU A 225 -12.26 -21.26 -0.29
N SER A 226 -12.28 -19.97 -0.04
CA SER A 226 -11.30 -19.03 -0.57
C SER A 226 -10.34 -18.53 0.52
N SER A 227 -9.16 -19.13 0.56
CA SER A 227 -8.27 -19.07 1.69
C SER A 227 -7.56 -17.72 1.77
N GLN A 228 -7.52 -17.06 2.95
CA GLN A 228 -6.85 -15.78 3.14
C GLN A 228 -7.40 -14.71 2.19
N LEU A 229 -8.68 -14.86 1.84
CA LEU A 229 -9.28 -13.84 0.99
C LEU A 229 -9.20 -12.47 1.64
N PHE A 230 -9.53 -12.42 2.91
CA PHE A 230 -9.42 -11.21 3.70
C PHE A 230 -8.08 -10.50 3.54
N ALA A 231 -7.00 -11.20 3.80
CA ALA A 231 -5.65 -10.65 3.61
C ALA A 231 -5.44 -10.24 2.14
N LYS A 232 -5.92 -11.02 1.17
CA LYS A 232 -5.60 -10.67 -0.23
C LYS A 232 -6.35 -9.42 -0.64
N LEU A 233 -7.56 -9.28 -0.08
CA LEU A 233 -8.31 -8.04 -0.27
C LEU A 233 -7.61 -6.82 0.35
N LEU A 234 -7.18 -6.87 1.62
CA LEU A 234 -6.47 -5.75 2.26
C LEU A 234 -5.22 -5.39 1.49
N GLN A 235 -4.56 -6.41 0.90
CA GLN A 235 -3.33 -6.15 0.13
C GLN A 235 -3.64 -5.28 -1.07
N LYS A 236 -4.88 -5.35 -1.59
CA LYS A 236 -5.23 -4.57 -2.78
C LYS A 236 -5.28 -3.07 -2.48
N MET A 237 -5.35 -2.73 -1.17
CA MET A 237 -5.28 -1.32 -0.78
C MET A 237 -3.96 -0.67 -1.24
N THR A 238 -2.86 -1.44 -1.38
CA THR A 238 -1.68 -0.95 -2.05
C THR A 238 -1.89 -0.44 -3.48
N ASP A 239 -2.64 -1.19 -4.29
CA ASP A 239 -2.81 -0.88 -5.67
C ASP A 239 -3.61 0.40 -5.75
N LEU A 240 -4.62 0.53 -4.81
CA LEU A 240 -5.56 1.65 -4.94
C LEU A 240 -4.79 2.96 -4.72
N ARG A 241 -3.95 2.92 -3.67
CA ARG A 241 -3.11 4.07 -3.35
C ARG A 241 -2.23 4.50 -4.54
N GLN A 242 -1.57 3.53 -5.18
CA GLN A 242 -0.71 3.80 -6.34
C GLN A 242 -1.54 4.34 -7.52
N ILE A 243 -2.76 3.84 -7.76
CA ILE A 243 -3.60 4.43 -8.79
C ILE A 243 -3.82 5.93 -8.53
N VAL A 244 -4.21 6.26 -7.31
CA VAL A 244 -4.46 7.63 -6.90
C VAL A 244 -3.23 8.53 -7.08
N THR A 245 -2.09 8.06 -6.62
CA THR A 245 -0.92 8.97 -6.64
C THR A 245 -0.47 9.15 -8.07
N GLU A 246 -0.61 8.10 -8.88
CA GLU A 246 -0.29 8.23 -10.29
C GLU A 246 -1.28 9.15 -11.01
N HIS A 247 -2.57 9.08 -10.69
CA HIS A 247 -3.53 9.94 -11.34
C HIS A 247 -3.24 11.38 -10.96
N VAL A 248 -2.87 11.65 -9.71
CA VAL A 248 -2.59 13.02 -9.27
C VAL A 248 -1.41 13.54 -10.09
N GLN A 249 -0.40 12.72 -10.30
CA GLN A 249 0.72 13.20 -11.11
C GLN A 249 0.30 13.54 -12.54
N LEU A 250 -0.54 12.69 -13.12
CA LEU A 250 -1.01 12.97 -14.44
C LEU A 250 -1.76 14.31 -14.52
N LEU A 251 -2.63 14.59 -13.53
CA LEU A 251 -3.33 15.88 -13.53
C LEU A 251 -2.34 17.01 -13.51
N GLN A 252 -1.22 16.88 -12.75
CA GLN A 252 -0.28 17.97 -12.68
C GLN A 252 0.25 18.22 -14.08
N VAL A 253 0.41 17.14 -14.87
CA VAL A 253 0.92 17.29 -16.23
C VAL A 253 -0.13 17.96 -17.11
N ILE A 254 -1.35 17.44 -17.02
CA ILE A 254 -2.41 17.92 -17.92
C ILE A 254 -2.66 19.41 -17.77
N LYS A 255 -2.62 19.89 -16.53
CA LYS A 255 -2.95 21.28 -16.23
C LYS A 255 -1.88 22.22 -16.77
N LYS A 256 -0.67 21.74 -17.08
CA LYS A 256 0.34 22.62 -17.70
C LYS A 256 0.09 22.81 -19.19
N THR A 257 -0.36 21.77 -19.89
CA THR A 257 -0.57 21.87 -21.33
C THR A 257 -2.00 22.22 -21.66
N GLU A 258 -2.93 21.94 -20.76
CA GLU A 258 -4.35 22.14 -21.06
C GLU A 258 -4.90 23.26 -20.16
N THR A 259 -4.47 24.52 -20.40
CA THR A 259 -4.78 25.60 -19.44
C THR A 259 -6.24 26.06 -19.53
N ASP A 260 -7.00 25.44 -20.44
CA ASP A 260 -8.39 25.79 -20.68
CA ASP A 260 -8.38 25.81 -20.66
C ASP A 260 -9.32 24.78 -20.01
N MET A 261 -8.75 23.82 -19.25
CA MET A 261 -9.58 22.81 -18.59
C MET A 261 -9.95 23.18 -17.17
N SER A 262 -11.28 23.20 -16.99
CA SER A 262 -11.92 23.62 -15.76
C SER A 262 -11.97 22.44 -14.76
N LEU A 263 -12.17 22.65 -13.44
CA LEU A 263 -12.25 21.49 -12.55
C LEU A 263 -13.40 21.63 -11.56
N HIS A 264 -14.26 20.61 -11.46
CA HIS A 264 -15.44 20.76 -10.60
C HIS A 264 -14.99 21.10 -9.16
N PRO A 265 -15.66 22.02 -8.43
CA PRO A 265 -15.12 22.51 -7.14
C PRO A 265 -14.94 21.39 -6.08
N LEU A 266 -15.78 20.35 -6.10
CA LEU A 266 -15.64 19.19 -5.25
C LEU A 266 -14.32 18.46 -5.51
N LEU A 267 -13.96 18.24 -6.79
CA LEU A 267 -12.69 17.60 -7.10
C LEU A 267 -11.50 18.47 -6.78
N GLN A 268 -11.63 19.77 -7.02
CA GLN A 268 -10.58 20.70 -6.62
C GLN A 268 -10.22 20.64 -5.12
N GLU A 269 -11.26 20.68 -4.26
CA GLU A 269 -11.06 20.56 -2.81
C GLU A 269 -10.40 19.22 -2.49
N ILE A 270 -10.92 18.14 -3.07
CA ILE A 270 -10.37 16.82 -2.75
C ILE A 270 -8.90 16.79 -3.11
N TYR A 271 -8.53 17.24 -4.33
CA TYR A 271 -7.14 17.10 -4.75
C TYR A 271 -6.18 18.08 -4.07
N LYS A 272 -6.70 19.14 -3.49
CA LYS A 272 -5.79 20.13 -2.87
C LYS A 272 -4.89 19.49 -1.83
N ASP A 273 -3.57 19.66 -1.98
CA ASP A 273 -2.57 19.15 -1.07
C ASP A 273 -2.83 17.69 -0.74
N LEU A 274 -3.29 16.94 -1.71
CA LEU A 274 -3.71 15.60 -1.36
C LEU A 274 -2.43 14.83 -1.02
N TYR A 275 -1.69 14.53 -2.07
CA TYR A 275 -0.40 13.89 -1.83
C TYR A 275 0.70 14.79 -2.42
N GLU B 5 -3.45 -28.28 11.27
CA GLU B 5 -3.07 -27.09 10.48
C GLU B 5 -2.37 -26.15 11.44
N SER B 6 -2.94 -25.91 12.62
CA SER B 6 -2.44 -24.81 13.42
C SER B 6 -1.06 -25.12 14.04
N ALA B 7 -0.80 -26.39 14.37
CA ALA B 7 0.52 -26.76 14.87
C ALA B 7 1.55 -26.57 13.74
N ASP B 8 1.17 -26.77 12.45
CA ASP B 8 2.09 -26.57 11.33
C ASP B 8 2.37 -25.09 11.11
N LEU B 9 1.36 -24.25 11.34
CA LEU B 9 1.56 -22.81 11.27
C LEU B 9 2.52 -22.41 12.38
N ARG B 10 2.49 -23.06 13.56
CA ARG B 10 3.38 -22.72 14.64
C ARG B 10 4.81 -23.17 14.29
N ALA B 11 4.94 -24.37 13.69
CA ALA B 11 6.20 -24.85 13.20
C ALA B 11 6.80 -23.82 12.25
N LEU B 12 5.97 -23.33 11.31
CA LEU B 12 6.48 -22.45 10.27
C LEU B 12 6.97 -21.19 11.01
N ALA B 13 6.23 -20.75 12.02
CA ALA B 13 6.56 -19.53 12.75
C ALA B 13 7.91 -19.64 13.47
N LYS B 14 8.09 -20.79 14.13
CA LYS B 14 9.29 -21.05 14.87
CA LYS B 14 9.30 -21.04 14.87
C LYS B 14 10.47 -21.22 13.92
N HIS B 15 10.27 -21.91 12.79
CA HIS B 15 11.35 -22.09 11.81
C HIS B 15 11.86 -20.71 11.35
N LEU B 16 10.92 -19.83 10.97
CA LEU B 16 11.32 -18.53 10.47
C LEU B 16 11.93 -17.65 11.55
N TYR B 17 11.42 -17.72 12.78
CA TYR B 17 12.06 -16.97 13.85
C TYR B 17 13.50 -17.43 14.05
N ASP B 18 13.69 -18.76 14.09
CA ASP B 18 15.05 -19.29 14.20
C ASP B 18 15.98 -18.83 13.07
N SER B 19 15.50 -18.84 11.81
CA SER B 19 16.30 -18.37 10.70
CA SER B 19 16.32 -18.38 10.70
C SER B 19 16.60 -16.88 10.81
N TYR B 20 15.57 -16.09 11.22
CA TYR B 20 15.73 -14.66 11.36
C TYR B 20 16.81 -14.32 12.41
N ILE B 21 16.85 -15.06 13.53
CA ILE B 21 17.88 -14.83 14.54
C ILE B 21 19.27 -15.13 13.96
N LYS B 22 19.37 -16.15 13.13
CA LYS B 22 20.65 -16.54 12.57
C LYS B 22 21.06 -15.51 11.51
N SER B 23 20.13 -14.88 10.79
CA SER B 23 20.51 -14.10 9.63
C SER B 23 20.77 -12.65 9.94
N PHE B 24 20.07 -12.11 10.94
CA PHE B 24 20.12 -10.70 11.21
C PHE B 24 20.83 -10.47 12.55
N PRO B 25 22.03 -9.89 12.56
CA PRO B 25 22.80 -9.78 13.80
C PRO B 25 22.14 -8.88 14.83
N LEU B 26 21.51 -7.78 14.41
CA LEU B 26 20.92 -6.89 15.39
C LEU B 26 19.40 -6.99 15.38
N THR B 27 18.83 -7.68 16.36
CA THR B 27 17.39 -7.89 16.43
C THR B 27 16.66 -6.69 17.03
N LYS B 28 15.34 -6.68 16.87
CA LYS B 28 14.55 -5.64 17.50
C LYS B 28 14.75 -5.67 19.02
N ALA B 29 14.82 -6.89 19.61
CA ALA B 29 14.91 -7.04 21.07
C ALA B 29 16.16 -6.30 21.55
N LYS B 30 17.28 -6.47 20.85
CA LYS B 30 18.52 -5.85 21.25
C LYS B 30 18.47 -4.35 20.97
N ALA B 31 17.95 -3.97 19.81
CA ALA B 31 17.85 -2.58 19.47
C ALA B 31 17.03 -1.84 20.54
N ARG B 32 15.87 -2.37 20.91
CA ARG B 32 15.00 -1.73 21.89
C ARG B 32 15.68 -1.68 23.25
N ALA B 33 16.48 -2.67 23.58
CA ALA B 33 17.14 -2.62 24.86
C ALA B 33 18.15 -1.48 24.85
N ILE B 34 18.87 -1.27 23.75
CA ILE B 34 19.79 -0.15 23.62
C ILE B 34 19.01 1.17 23.61
N LEU B 35 17.95 1.28 22.83
CA LEU B 35 17.28 2.57 22.68
C LEU B 35 16.63 3.02 24.00
N THR B 36 16.25 2.08 24.86
CA THR B 36 15.42 2.44 25.99
C THR B 36 16.26 2.64 27.24
N GLY B 37 17.51 2.18 27.23
CA GLY B 37 18.39 2.35 28.37
C GLY B 37 18.59 1.05 29.15
N LYS B 38 17.80 0.00 28.81
CA LYS B 38 17.90 -1.30 29.46
C LYS B 38 19.19 -2.01 29.02
N THR B 39 20.33 -1.32 29.04
CA THR B 39 21.59 -1.83 28.50
C THR B 39 22.71 -1.60 29.51
N THR B 40 23.51 -2.65 29.76
CA THR B 40 24.57 -2.66 30.76
C THR B 40 25.83 -1.93 30.24
N LYS B 42 27.57 0.20 28.12
CA LYS B 42 27.43 -0.07 26.67
C LYS B 42 26.38 0.89 26.11
N SER B 43 26.55 2.19 26.36
CA SER B 43 25.70 3.23 25.77
C SER B 43 26.27 3.50 24.37
N PRO B 44 25.47 3.70 23.30
CA PRO B 44 26.03 3.94 21.97
C PRO B 44 26.68 5.30 21.97
N PHE B 45 27.63 5.52 21.07
CA PHE B 45 28.20 6.84 20.87
C PHE B 45 27.20 7.65 20.07
N VAL B 46 26.92 8.89 20.45
CA VAL B 46 25.79 9.60 19.87
C VAL B 46 26.29 10.67 18.92
N ILE B 47 25.77 10.67 17.70
CA ILE B 47 26.13 11.67 16.70
C ILE B 47 24.96 12.63 16.55
N TYR B 48 25.17 13.90 16.93
CA TYR B 48 24.05 14.85 17.00
C TYR B 48 24.42 16.15 16.29
N ASP B 49 25.68 16.25 15.80
CA ASP B 49 26.20 17.42 15.10
C ASP B 49 27.53 17.08 14.39
N MET B 50 28.13 18.13 13.79
CA MET B 50 29.29 17.92 12.94
C MET B 50 30.50 17.44 13.76
N ASN B 51 30.75 18.05 14.94
CA ASN B 51 31.91 17.64 15.74
C ASN B 51 31.74 16.21 16.25
N SER B 52 30.53 15.86 16.73
CA SER B 52 30.33 14.49 17.19
C SER B 52 30.38 13.51 15.99
N LEU B 53 29.96 13.95 14.80
CA LEU B 53 30.11 13.06 13.64
C LEU B 53 31.58 12.71 13.45
N MET B 54 32.42 13.75 13.46
CA MET B 54 33.82 13.56 13.21
C MET B 54 34.47 12.72 14.33
N MET B 55 34.16 12.92 15.62
CA MET B 55 34.86 12.01 16.52
C MET B 55 34.22 10.62 16.47
N GLY B 56 32.96 10.50 16.01
CA GLY B 56 32.35 9.18 15.90
C GLY B 56 33.13 8.27 14.94
N GLU B 57 33.53 8.89 13.81
CA GLU B 57 34.35 8.27 12.78
C GLU B 57 35.63 7.69 13.38
N ASP B 58 36.24 8.40 14.35
CA ASP B 58 37.49 8.01 14.98
CA ASP B 58 37.50 7.97 14.93
C ASP B 58 37.23 6.90 15.99
N LYS B 59 36.17 7.04 16.81
CA LYS B 59 35.81 6.03 17.80
C LYS B 59 35.23 4.76 17.14
N ILE B 60 34.22 4.87 16.28
CA ILE B 60 33.53 3.67 15.81
C ILE B 60 34.33 3.01 14.70
N LYS B 61 34.95 3.83 13.83
CA LYS B 61 35.83 3.34 12.78
C LYS B 61 35.01 2.41 11.87
N PHE B 62 34.32 3.08 10.96
CA PHE B 62 33.34 2.46 10.12
C PHE B 62 34.10 1.72 9.00
N LYS B 63 33.45 0.78 8.32
CA LYS B 63 34.13 -0.04 7.35
C LYS B 63 34.12 0.68 6.01
N HIS B 64 33.36 1.77 5.86
CA HIS B 64 33.05 2.28 4.54
C HIS B 64 33.88 3.52 4.13
N ILE B 65 34.94 3.87 4.87
CA ILE B 65 35.63 5.12 4.58
C ILE B 65 36.83 4.87 3.66
N THR B 66 36.82 5.51 2.45
CA THR B 66 37.63 5.16 1.27
C THR B 66 38.42 6.37 0.78
N GLU B 74 32.33 15.90 1.05
CA GLU B 74 31.27 16.46 1.93
C GLU B 74 30.83 15.34 2.90
N VAL B 75 30.58 15.75 4.15
CA VAL B 75 30.05 14.92 5.20
C VAL B 75 28.77 14.18 4.76
N ALA B 76 27.85 14.86 4.07
CA ALA B 76 26.58 14.27 3.70
C ALA B 76 26.74 13.04 2.78
N ILE B 77 27.76 13.07 1.90
CA ILE B 77 27.98 11.99 0.98
C ILE B 77 28.62 10.80 1.68
N ARG B 78 29.53 11.05 2.64
CA ARG B 78 30.11 9.97 3.43
C ARG B 78 29.00 9.28 4.24
N ILE B 79 28.02 10.05 4.70
CA ILE B 79 26.94 9.47 5.46
C ILE B 79 26.10 8.61 4.53
N PHE B 80 25.71 9.17 3.40
CA PHE B 80 24.94 8.41 2.41
C PHE B 80 25.63 7.11 1.99
N GLN B 81 26.93 7.16 1.75
CA GLN B 81 27.69 5.99 1.38
C GLN B 81 27.74 4.99 2.54
N GLY B 82 27.83 5.49 3.79
CA GLY B 82 27.66 4.58 4.90
C GLY B 82 26.35 3.82 4.83
N CYS B 83 25.26 4.52 4.48
CA CYS B 83 23.94 3.91 4.37
C CYS B 83 23.90 2.88 3.24
N GLN B 84 24.64 3.16 2.14
CA GLN B 84 24.76 2.22 1.05
C GLN B 84 25.53 0.97 1.47
N PHE B 85 26.63 1.12 2.22
CA PHE B 85 27.40 -0.01 2.70
C PHE B 85 26.49 -0.91 3.51
N ARG B 86 25.73 -0.28 4.44
CA ARG B 86 24.91 -1.07 5.33
C ARG B 86 23.81 -1.79 4.54
N SER B 87 23.25 -1.10 3.57
CA SER B 87 22.17 -1.64 2.79
C SER B 87 22.64 -2.84 2.00
N VAL B 88 23.90 -2.80 1.53
CA VAL B 88 24.43 -3.91 0.75
C VAL B 88 24.59 -5.10 1.68
N GLU B 89 25.05 -4.88 2.92
CA GLU B 89 25.13 -5.99 3.85
C GLU B 89 23.72 -6.53 4.13
N ALA B 90 22.72 -5.64 4.25
CA ALA B 90 21.36 -6.10 4.57
C ALA B 90 20.74 -6.95 3.46
N VAL B 91 20.99 -6.56 2.19
CA VAL B 91 20.61 -7.39 1.03
C VAL B 91 21.09 -8.81 1.19
N GLN B 92 22.35 -9.01 1.62
CA GLN B 92 22.86 -10.38 1.71
C GLN B 92 22.21 -11.13 2.84
N GLU B 93 21.97 -10.42 3.95
CA GLU B 93 21.29 -11.01 5.06
C GLU B 93 19.88 -11.46 4.68
N ILE B 94 19.15 -10.60 3.96
CA ILE B 94 17.80 -10.90 3.56
C ILE B 94 17.77 -12.06 2.57
N THR B 95 18.80 -12.10 1.66
CA THR B 95 18.93 -13.19 0.68
C THR B 95 19.09 -14.53 1.40
N GLU B 96 19.91 -14.52 2.43
CA GLU B 96 20.17 -15.71 3.21
C GLU B 96 18.89 -16.16 3.94
N TYR B 97 18.19 -15.22 4.56
CA TYR B 97 16.95 -15.50 5.22
C TYR B 97 15.94 -16.09 4.23
N ALA B 98 15.82 -15.47 3.05
CA ALA B 98 14.83 -15.93 2.09
C ALA B 98 14.96 -17.43 1.81
N LYS B 99 16.19 -17.95 1.75
CA LYS B 99 16.45 -19.33 1.39
C LYS B 99 16.00 -20.30 2.48
N SER B 100 15.73 -19.82 3.68
CA SER B 100 15.09 -20.58 4.72
C SER B 100 13.56 -20.62 4.63
N ILE B 101 12.91 -19.78 3.79
CA ILE B 101 11.48 -19.83 3.67
C ILE B 101 11.03 -21.08 2.93
N PRO B 102 10.21 -21.98 3.52
CA PRO B 102 9.82 -23.23 2.83
C PRO B 102 9.22 -22.97 1.45
N GLY B 103 9.81 -23.53 0.41
CA GLY B 103 9.33 -23.38 -0.96
C GLY B 103 10.12 -22.38 -1.80
N PHE B 104 10.83 -21.44 -1.14
CA PHE B 104 11.46 -20.34 -1.86
C PHE B 104 12.56 -20.86 -2.80
N VAL B 105 13.43 -21.79 -2.35
CA VAL B 105 14.52 -22.24 -3.24
C VAL B 105 14.05 -23.19 -4.33
N ASN B 106 12.82 -23.69 -4.28
CA ASN B 106 12.26 -24.49 -5.31
C ASN B 106 11.58 -23.65 -6.40
N LEU B 107 11.45 -22.34 -6.20
CA LEU B 107 10.88 -21.52 -7.25
C LEU B 107 11.88 -21.42 -8.40
N ASP B 108 11.35 -21.04 -9.55
CA ASP B 108 12.20 -20.71 -10.69
C ASP B 108 13.26 -19.68 -10.27
N LEU B 109 14.52 -19.91 -10.67
CA LEU B 109 15.58 -19.04 -10.16
C LEU B 109 15.40 -17.60 -10.60
N ASN B 110 14.84 -17.40 -11.81
CA ASN B 110 14.57 -16.02 -12.22
C ASN B 110 13.56 -15.36 -11.24
N ASP B 111 12.55 -16.09 -10.80
CA ASP B 111 11.58 -15.52 -9.90
C ASP B 111 12.21 -15.28 -8.51
N GLN B 112 13.10 -16.17 -8.02
CA GLN B 112 13.88 -15.85 -6.83
C GLN B 112 14.52 -14.45 -6.92
N VAL B 113 15.24 -14.22 -7.98
CA VAL B 113 15.99 -12.99 -8.15
C VAL B 113 15.01 -11.81 -8.25
N THR B 114 13.89 -11.99 -9.00
CA THR B 114 12.93 -10.91 -9.09
C THR B 114 12.29 -10.57 -7.72
N LEU B 115 11.87 -11.58 -6.94
CA LEU B 115 11.30 -11.35 -5.63
C LEU B 115 12.28 -10.61 -4.71
N LEU B 116 13.57 -10.99 -4.71
CA LEU B 116 14.51 -10.25 -3.89
C LEU B 116 14.71 -8.81 -4.39
N LYS B 117 14.87 -8.63 -5.68
CA LYS B 117 15.18 -7.32 -6.23
C LYS B 117 14.10 -6.30 -5.89
N TYR B 118 12.84 -6.74 -5.97
CA TYR B 118 11.73 -5.84 -5.73
C TYR B 118 11.31 -5.87 -4.28
N GLY B 119 11.81 -6.78 -3.44
CA GLY B 119 11.40 -6.90 -2.07
C GLY B 119 12.37 -6.26 -1.04
N VAL B 120 13.64 -6.09 -1.39
CA VAL B 120 14.63 -5.78 -0.36
C VAL B 120 14.42 -4.37 0.16
N HIS B 121 14.01 -3.44 -0.69
CA HIS B 121 13.81 -2.09 -0.15
C HIS B 121 12.73 -2.06 0.95
N GLU B 122 11.55 -2.69 0.69
CA GLU B 122 10.46 -2.77 1.63
C GLU B 122 10.91 -3.36 2.95
N ILE B 123 11.69 -4.44 2.81
CA ILE B 123 12.21 -5.13 3.97
C ILE B 123 13.25 -4.29 4.70
N ILE B 124 14.11 -3.57 3.97
CA ILE B 124 15.12 -2.75 4.69
C ILE B 124 14.43 -1.71 5.57
N TYR B 125 13.39 -1.04 5.06
CA TYR B 125 12.71 0.02 5.78
C TYR B 125 11.87 -0.57 6.92
N THR B 126 11.32 -1.77 6.70
CA THR B 126 10.62 -2.43 7.78
C THR B 126 11.58 -2.60 8.95
N MET B 127 12.74 -3.16 8.68
CA MET B 127 13.69 -3.58 9.70
C MET B 127 14.43 -2.39 10.31
N LEU B 128 14.56 -1.32 9.51
CA LEU B 128 15.16 -0.10 9.97
C LEU B 128 14.33 0.52 11.10
N ALA B 129 13.00 0.32 11.05
CA ALA B 129 12.07 0.76 12.06
C ALA B 129 12.44 0.18 13.42
N SER B 130 12.91 -1.07 13.48
CA SER B 130 13.34 -1.70 14.70
C SER B 130 14.47 -0.91 15.35
N LEU B 131 15.28 -0.21 14.57
CA LEU B 131 16.44 0.51 15.11
C LEU B 131 16.15 2.01 15.30
N MET B 132 14.92 2.45 14.99
CA MET B 132 14.55 3.86 15.14
C MET B 132 13.60 4.13 16.31
N ASN B 133 13.74 5.29 16.91
CA ASN B 133 12.62 5.88 17.62
C ASN B 133 12.35 7.23 17.00
N LYS B 134 11.42 7.99 17.61
CA LYS B 134 11.10 9.31 17.11
C LYS B 134 12.29 10.29 17.17
N ASP B 135 13.41 9.95 17.85
CA ASP B 135 14.53 10.88 18.00
C ASP B 135 15.79 10.51 17.22
N GLY B 136 15.87 9.29 16.69
CA GLY B 136 17.05 8.94 15.93
C GLY B 136 17.17 7.44 15.63
N VAL B 137 18.33 7.03 15.14
CA VAL B 137 18.51 5.69 14.60
C VAL B 137 19.84 5.09 15.06
N LEU B 138 19.82 3.81 15.46
CA LEU B 138 21.06 3.10 15.77
C LEU B 138 21.84 2.81 14.49
N ILE B 139 23.16 2.86 14.58
CA ILE B 139 24.08 2.55 13.48
C ILE B 139 25.21 1.69 14.02
N SER B 140 26.00 1.12 13.11
CA SER B 140 27.17 0.31 13.44
C SER B 140 26.85 -0.77 14.43
N GLU B 141 25.82 -1.53 14.07
CA GLU B 141 25.34 -2.65 14.87
C GLU B 141 25.07 -2.18 16.30
N GLY B 142 24.63 -0.94 16.51
CA GLY B 142 24.21 -0.54 17.84
C GLY B 142 25.30 0.16 18.62
N GLN B 143 26.46 0.36 18.02
CA GLN B 143 27.55 1.09 18.63
C GLN B 143 27.32 2.59 18.52
N GLY B 144 26.39 3.07 17.68
CA GLY B 144 26.22 4.50 17.49
C GLY B 144 24.75 4.83 17.39
N PHE B 145 24.41 6.10 17.52
CA PHE B 145 23.03 6.56 17.45
C PHE B 145 23.11 7.92 16.80
N MET B 146 22.42 8.08 15.66
CA MET B 146 22.45 9.33 14.93
C MET B 146 21.10 10.01 15.02
N THR B 147 21.09 11.27 15.46
CA THR B 147 19.83 11.92 15.75
C THR B 147 19.05 12.22 14.47
N ARG B 148 17.72 12.21 14.64
CA ARG B 148 16.84 12.54 13.54
C ARG B 148 17.08 13.96 13.11
N GLU B 149 17.39 14.82 14.08
CA GLU B 149 17.57 16.24 13.83
C GLU B 149 18.83 16.48 13.02
N PHE B 150 19.90 15.77 13.35
CA PHE B 150 21.12 15.89 12.57
C PHE B 150 20.91 15.45 11.13
N LEU B 151 20.21 14.30 10.89
CA LEU B 151 19.89 13.89 9.53
C LEU B 151 19.04 14.92 8.82
N LYS B 152 18.00 15.52 9.43
CA LYS B 152 17.25 16.58 8.74
C LYS B 152 18.15 17.75 8.31
N SER B 153 19.23 18.02 9.04
CA SER B 153 20.05 19.20 8.82
C SER B 153 21.04 19.00 7.67
N LEU B 154 21.16 17.82 7.07
CA LEU B 154 22.14 17.67 6.01
C LEU B 154 21.70 18.46 4.78
N ARG B 155 22.68 18.94 4.00
CA ARG B 155 22.37 19.73 2.80
C ARG B 155 21.48 18.93 1.84
N LYS B 156 20.66 19.66 1.11
CA LYS B 156 19.81 19.04 0.11
C LYS B 156 20.70 18.37 -0.92
N PRO B 157 20.28 17.20 -1.49
CA PRO B 157 18.99 16.54 -1.17
C PRO B 157 19.03 15.50 -0.05
N PHE B 158 20.17 15.44 0.68
CA PHE B 158 20.48 14.41 1.65
C PHE B 158 19.74 14.58 2.98
N GLY B 159 19.18 15.76 3.23
CA GLY B 159 18.47 16.03 4.45
C GLY B 159 17.06 15.46 4.56
N ASP B 160 16.51 14.94 3.46
CA ASP B 160 15.17 14.39 3.47
C ASP B 160 15.23 12.95 2.96
N PHE B 161 16.43 12.38 2.99
CA PHE B 161 16.66 10.98 2.71
C PHE B 161 16.08 10.16 3.87
N MET B 162 16.29 10.59 5.15
CA MET B 162 15.92 9.72 6.26
C MET B 162 14.53 10.02 6.85
N GLU B 163 14.07 11.27 6.77
CA GLU B 163 12.83 11.69 7.40
C GLU B 163 11.62 10.82 7.07
N PRO B 164 11.34 10.45 5.80
CA PRO B 164 10.13 9.65 5.54
C PRO B 164 10.16 8.28 6.22
N LYS B 165 11.36 7.74 6.40
CA LYS B 165 11.54 6.46 7.08
C LYS B 165 11.25 6.64 8.57
N PHE B 166 11.54 7.82 9.16
CA PHE B 166 11.22 8.08 10.57
C PHE B 166 9.71 8.14 10.73
N GLU B 167 9.03 8.77 9.79
CA GLU B 167 7.60 9.02 9.93
C GLU B 167 6.87 7.67 9.85
N PHE B 168 7.36 6.84 8.93
CA PHE B 168 6.86 5.48 8.77
C PHE B 168 7.11 4.70 10.08
N ALA B 169 8.35 4.76 10.59
CA ALA B 169 8.78 3.94 11.72
C ALA B 169 7.96 4.25 12.96
N VAL B 170 7.74 5.54 13.19
CA VAL B 170 6.95 5.95 14.33
C VAL B 170 5.56 5.33 14.25
N LYS B 171 4.93 5.31 13.09
CA LYS B 171 3.66 4.64 12.95
C LYS B 171 3.79 3.12 13.05
N PHE B 172 4.82 2.51 12.47
CA PHE B 172 4.90 1.07 12.41
C PHE B 172 5.21 0.52 13.82
N ASN B 173 6.05 1.27 14.55
CA ASN B 173 6.48 0.83 15.84
C ASN B 173 5.34 0.86 16.87
N ALA B 174 4.30 1.70 16.60
CA ALA B 174 3.14 1.82 17.48
C ALA B 174 2.40 0.49 17.50
N LEU B 175 2.58 -0.36 16.49
CA LEU B 175 2.02 -1.70 16.49
C LEU B 175 2.70 -2.66 17.50
N GLU B 176 3.84 -2.28 18.05
CA GLU B 176 4.58 -3.10 19.04
C GLU B 176 4.84 -4.54 18.60
N LEU B 177 5.33 -4.72 17.35
CA LEU B 177 5.68 -6.06 16.92
C LEU B 177 7.00 -6.48 17.57
N ASP B 178 7.16 -7.80 17.79
CA ASP B 178 8.46 -8.33 18.17
C ASP B 178 9.10 -9.09 16.98
N ASP B 179 10.31 -9.59 17.19
CA ASP B 179 11.11 -10.34 16.23
C ASP B 179 10.36 -11.56 15.73
N SER B 180 9.63 -12.24 16.58
CA SER B 180 8.90 -13.44 16.17
C SER B 180 7.76 -13.05 15.22
N ASP B 181 7.15 -11.87 15.41
CA ASP B 181 6.17 -11.34 14.45
C ASP B 181 6.82 -10.94 13.13
N LEU B 182 7.88 -10.14 13.22
CA LEU B 182 8.53 -9.57 12.06
C LEU B 182 9.12 -10.66 11.17
N ALA B 183 9.67 -11.74 11.78
CA ALA B 183 10.20 -12.81 10.96
C ALA B 183 9.14 -13.27 9.95
N ILE B 184 7.89 -13.38 10.36
CA ILE B 184 6.90 -13.90 9.42
C ILE B 184 6.50 -12.76 8.46
N PHE B 185 6.33 -11.56 8.99
CA PHE B 185 5.95 -10.44 8.14
C PHE B 185 6.96 -10.25 6.97
N ILE B 186 8.26 -10.32 7.26
CA ILE B 186 9.28 -10.15 6.23
CA ILE B 186 9.22 -10.09 6.16
C ILE B 186 9.11 -11.22 5.15
N ALA B 187 8.86 -12.45 5.55
CA ALA B 187 8.67 -13.52 4.59
C ALA B 187 7.45 -13.20 3.70
N VAL B 188 6.34 -12.76 4.28
CA VAL B 188 5.17 -12.37 3.47
C VAL B 188 5.58 -11.36 2.40
N ILE B 189 6.36 -10.34 2.77
CA ILE B 189 6.77 -9.30 1.82
C ILE B 189 7.57 -9.91 0.69
N ILE B 190 8.42 -10.87 1.00
CA ILE B 190 9.25 -11.43 -0.05
C ILE B 190 8.42 -12.21 -1.07
N LEU B 191 7.47 -13.02 -0.59
CA LEU B 191 6.63 -13.84 -1.45
C LEU B 191 5.41 -13.06 -1.97
N SER B 192 5.69 -11.90 -2.60
CA SER B 192 4.71 -11.05 -3.22
C SER B 192 4.59 -11.36 -4.74
N GLY B 193 3.37 -11.76 -5.14
CA GLY B 193 3.04 -12.26 -6.43
C GLY B 193 2.87 -11.22 -7.49
N ASP B 194 3.03 -9.94 -7.12
CA ASP B 194 2.72 -8.87 -8.06
C ASP B 194 4.00 -8.16 -8.44
N ARG B 195 5.17 -8.74 -8.16
CA ARG B 195 6.39 -8.14 -8.65
C ARG B 195 6.39 -8.21 -10.18
N PRO B 196 6.88 -7.19 -10.87
CA PRO B 196 6.94 -7.28 -12.34
C PRO B 196 7.91 -8.33 -12.86
N GLY B 197 7.55 -8.99 -13.97
CA GLY B 197 8.37 -9.92 -14.74
C GLY B 197 8.41 -11.33 -14.10
N LEU B 198 7.54 -11.63 -13.13
CA LEU B 198 7.52 -12.97 -12.56
C LEU B 198 7.00 -13.93 -13.63
N LEU B 199 7.61 -15.13 -13.62
CA LEU B 199 7.30 -16.14 -14.62
C LEU B 199 6.21 -17.10 -14.14
N ASN B 200 6.22 -17.41 -12.84
CA ASN B 200 5.30 -18.40 -12.31
C ASN B 200 4.74 -17.95 -10.94
N VAL B 201 3.64 -17.20 -11.00
CA VAL B 201 3.04 -16.54 -9.85
C VAL B 201 2.39 -17.53 -8.90
N LYS B 202 1.85 -18.62 -9.41
CA LYS B 202 1.05 -19.49 -8.59
C LYS B 202 1.78 -20.00 -7.34
N PRO B 203 2.93 -20.70 -7.43
CA PRO B 203 3.59 -21.18 -6.20
C PRO B 203 4.02 -20.05 -5.27
N ILE B 204 4.24 -18.86 -5.83
CA ILE B 204 4.57 -17.72 -4.97
C ILE B 204 3.36 -17.35 -4.07
N GLU B 205 2.20 -17.16 -4.68
CA GLU B 205 1.00 -16.82 -3.91
C GLU B 205 0.55 -17.95 -3.02
N ASP B 206 0.81 -19.19 -3.42
CA ASP B 206 0.52 -20.32 -2.54
C ASP B 206 1.41 -20.31 -1.29
N ILE B 207 2.71 -20.05 -1.43
CA ILE B 207 3.53 -19.96 -0.24
C ILE B 207 3.07 -18.71 0.56
N GLN B 208 2.86 -17.56 -0.11
CA GLN B 208 2.53 -16.38 0.63
C GLN B 208 1.25 -16.66 1.44
N ASP B 209 0.27 -17.40 0.86
CA ASP B 209 -0.95 -17.74 1.60
C ASP B 209 -0.64 -18.46 2.92
N ASN B 210 0.27 -19.44 2.82
CA ASN B 210 0.68 -20.18 4.00
CA ASN B 210 0.68 -20.18 4.00
C ASN B 210 1.33 -19.24 5.01
N LEU B 211 2.23 -18.35 4.52
CA LEU B 211 2.86 -17.41 5.42
C LEU B 211 1.82 -16.47 6.09
N LEU B 212 0.80 -16.01 5.36
CA LEU B 212 -0.21 -15.14 5.90
C LEU B 212 -0.99 -15.86 7.00
N GLN B 213 -1.31 -17.12 6.74
CA GLN B 213 -1.98 -17.89 7.75
C GLN B 213 -1.13 -17.95 9.00
N ALA B 214 0.16 -18.10 8.83
CA ALA B 214 1.01 -18.29 10.00
C ALA B 214 1.18 -16.96 10.72
N LEU B 215 1.25 -15.85 9.93
CA LEU B 215 1.40 -14.52 10.57
C LEU B 215 0.15 -14.21 11.44
N GLU B 216 -1.03 -14.49 10.88
CA GLU B 216 -2.32 -14.25 11.51
C GLU B 216 -2.37 -14.99 12.85
N LEU B 217 -2.03 -16.26 12.85
CA LEU B 217 -2.10 -17.03 14.06
C LEU B 217 -1.09 -16.47 15.05
N GLN B 218 0.13 -16.18 14.57
CA GLN B 218 1.16 -15.62 15.43
C GLN B 218 0.70 -14.33 16.10
N LEU B 219 0.02 -13.42 15.36
CA LEU B 219 -0.41 -12.18 16.00
C LEU B 219 -1.54 -12.41 17.05
N LYS B 220 -2.44 -13.36 16.80
CA LYS B 220 -3.52 -13.62 17.73
C LYS B 220 -2.96 -14.25 19.02
N LEU B 221 -1.99 -15.14 18.91
CA LEU B 221 -1.38 -15.77 20.09
C LEU B 221 -0.49 -14.80 20.83
N ASN B 222 0.30 -14.01 20.14
CA ASN B 222 1.34 -13.22 20.77
C ASN B 222 0.74 -11.88 21.20
N HIS B 223 -0.32 -11.43 20.53
CA HIS B 223 -0.94 -10.17 20.88
C HIS B 223 -2.44 -10.35 21.08
N PRO B 224 -2.84 -11.14 22.13
CA PRO B 224 -4.23 -11.61 22.30
C PRO B 224 -5.21 -10.47 22.57
N GLU B 225 -4.67 -9.35 23.01
CA GLU B 225 -5.41 -8.19 23.44
C GLU B 225 -5.50 -7.19 22.29
N SER B 226 -4.86 -7.38 21.12
CA SER B 226 -5.05 -6.31 20.15
C SER B 226 -5.72 -6.84 18.89
N SER B 227 -6.93 -6.38 18.81
CA SER B 227 -7.90 -6.78 17.81
C SER B 227 -7.40 -6.35 16.43
N GLN B 228 -7.55 -7.23 15.44
CA GLN B 228 -7.29 -6.92 14.04
C GLN B 228 -5.87 -6.35 13.85
N LEU B 229 -4.91 -6.81 14.65
CA LEU B 229 -3.51 -6.45 14.44
C LEU B 229 -3.02 -6.95 13.07
N PHE B 230 -3.43 -8.15 12.72
CA PHE B 230 -3.09 -8.65 11.39
C PHE B 230 -3.50 -7.68 10.28
N ALA B 231 -4.74 -7.24 10.30
CA ALA B 231 -5.24 -6.33 9.28
C ALA B 231 -4.46 -5.06 9.34
N LYS B 232 -4.18 -4.57 10.55
CA LYS B 232 -3.50 -3.27 10.63
C LYS B 232 -2.10 -3.36 10.06
N LEU B 233 -1.46 -4.53 10.27
CA LEU B 233 -0.14 -4.72 9.75
C LEU B 233 -0.14 -4.81 8.22
N LEU B 234 -1.10 -5.53 7.61
CA LEU B 234 -1.18 -5.59 6.16
C LEU B 234 -1.41 -4.20 5.57
N GLN B 235 -2.13 -3.38 6.31
CA GLN B 235 -2.44 -2.04 5.79
C GLN B 235 -1.20 -1.21 5.73
N LYS B 236 -0.18 -1.56 6.57
CA LYS B 236 1.06 -0.83 6.62
C LYS B 236 1.82 -1.04 5.31
N MET B 237 1.48 -2.10 4.54
CA MET B 237 2.15 -2.41 3.29
CA MET B 237 2.12 -2.42 3.26
C MET B 237 1.86 -1.29 2.29
N THR B 238 0.71 -0.66 2.40
CA THR B 238 0.38 0.49 1.57
C THR B 238 1.38 1.63 1.79
N ASP B 239 1.68 1.92 3.04
CA ASP B 239 2.54 3.04 3.34
C ASP B 239 3.96 2.67 2.91
N LEU B 240 4.34 1.43 3.09
CA LEU B 240 5.70 1.01 2.83
C LEU B 240 5.99 1.07 1.34
N ARG B 241 5.03 0.61 0.52
CA ARG B 241 5.18 0.72 -0.92
C ARG B 241 5.21 2.17 -1.37
N GLN B 242 4.41 3.06 -0.77
CA GLN B 242 4.44 4.48 -1.12
C GLN B 242 5.81 5.08 -0.74
N ILE B 243 6.40 4.69 0.39
CA ILE B 243 7.70 5.17 0.84
C ILE B 243 8.77 4.71 -0.17
N VAL B 244 8.73 3.45 -0.63
CA VAL B 244 9.73 2.97 -1.58
C VAL B 244 9.61 3.71 -2.91
N THR B 245 8.38 3.84 -3.44
CA THR B 245 8.17 4.53 -4.69
C THR B 245 8.72 5.94 -4.59
N GLU B 246 8.42 6.64 -3.52
CA GLU B 246 8.97 7.98 -3.35
C GLU B 246 10.50 7.98 -3.20
N HIS B 247 11.04 7.07 -2.41
CA HIS B 247 12.45 7.02 -2.15
C HIS B 247 13.22 6.82 -3.46
N VAL B 248 12.68 5.96 -4.33
CA VAL B 248 13.29 5.62 -5.62
C VAL B 248 13.50 6.87 -6.40
N GLN B 249 12.52 7.75 -6.41
CA GLN B 249 12.67 9.05 -7.05
C GLN B 249 13.90 9.82 -6.51
N LEU B 250 13.97 9.98 -5.21
CA LEU B 250 15.07 10.74 -4.66
C LEU B 250 16.41 10.05 -4.97
N LEU B 251 16.45 8.72 -4.86
CA LEU B 251 17.66 7.97 -5.17
C LEU B 251 18.12 8.23 -6.58
N GLN B 252 17.20 8.49 -7.52
CA GLN B 252 17.56 8.77 -8.90
C GLN B 252 18.45 10.00 -8.92
N VAL B 253 17.98 11.01 -8.17
CA VAL B 253 18.69 12.28 -8.15
C VAL B 253 20.05 12.11 -7.47
N ILE B 254 20.04 11.43 -6.32
CA ILE B 254 21.26 11.18 -5.57
C ILE B 254 22.26 10.36 -6.39
N LYS B 255 21.80 9.49 -7.32
CA LYS B 255 22.69 8.68 -8.15
C LYS B 255 23.22 9.50 -9.31
N LYS B 256 22.39 10.36 -9.91
CA LYS B 256 22.88 11.17 -11.02
C LYS B 256 23.74 12.36 -10.51
N THR B 257 23.31 13.05 -9.43
CA THR B 257 23.89 14.35 -9.11
C THR B 257 25.03 14.24 -8.07
N GLU B 258 25.34 13.03 -7.56
CA GLU B 258 26.10 12.93 -6.31
C GLU B 258 26.99 11.67 -6.24
N THR B 259 26.41 10.45 -6.33
CA THR B 259 27.17 9.20 -6.18
C THR B 259 28.11 8.97 -7.37
N ASP B 260 27.62 9.25 -8.59
CA ASP B 260 28.37 9.02 -9.81
C ASP B 260 29.48 10.07 -9.98
N MET B 261 29.51 11.12 -9.13
CA MET B 261 30.50 12.19 -9.22
C MET B 261 31.72 11.88 -8.34
N SER B 262 31.47 11.39 -7.12
CA SER B 262 32.48 11.23 -6.08
C SER B 262 32.98 9.76 -5.93
N LEU B 263 32.22 8.76 -6.38
CA LEU B 263 32.60 7.37 -6.19
C LEU B 263 33.27 6.87 -7.46
N HIS B 264 34.42 6.18 -7.34
CA HIS B 264 35.08 5.68 -8.54
C HIS B 264 34.37 4.43 -9.09
N PRO B 265 34.73 3.95 -10.32
CA PRO B 265 33.87 3.02 -11.06
C PRO B 265 33.66 1.69 -10.37
N LEU B 266 34.66 1.16 -9.62
CA LEU B 266 34.41 -0.12 -8.93
C LEU B 266 33.38 0.07 -7.81
N LEU B 267 33.42 1.21 -7.07
CA LEU B 267 32.41 1.48 -6.07
C LEU B 267 31.03 1.64 -6.69
N GLN B 268 30.97 2.29 -7.86
CA GLN B 268 29.68 2.51 -8.49
C GLN B 268 29.07 1.17 -8.83
N GLU B 269 29.94 0.21 -9.21
CA GLU B 269 29.49 -1.13 -9.58
C GLU B 269 28.95 -1.86 -8.36
N ILE B 270 29.74 -1.83 -7.27
CA ILE B 270 29.32 -2.43 -6.02
C ILE B 270 27.99 -1.84 -5.63
N TYR B 271 27.83 -0.50 -5.75
CA TYR B 271 26.60 0.14 -5.29
C TYR B 271 25.66 0.53 -6.44
N LYS B 272 25.53 -0.31 -7.47
CA LYS B 272 24.85 0.15 -8.67
C LYS B 272 23.37 0.38 -8.35
N ASP B 273 22.83 -0.37 -7.39
CA ASP B 273 21.49 -0.12 -6.88
C ASP B 273 21.64 0.52 -5.50
N LEU B 274 20.98 1.66 -5.31
CA LEU B 274 21.09 2.36 -4.03
C LEU B 274 19.85 2.05 -3.16
N TYR B 275 19.97 2.18 -1.82
CA TYR B 275 18.91 1.74 -0.94
C TYR B 275 18.74 2.74 0.22
C21 Y5I C . -17.92 9.60 -19.51
C20 Y5I C . -17.52 8.69 -18.57
C18 Y5I C . -11.04 8.30 -13.95
C16 Y5I C . -11.63 11.32 -12.25
C15 Y5I C . -11.15 9.85 -11.95
C14 Y5I C . -11.74 8.83 -12.90
C6 Y5I C . -16.13 7.57 -20.14
C4 Y5I C . -17.48 9.47 -20.81
C2 Y5I C . -18.44 11.70 -23.91
O3 Y5I C . -11.93 12.13 -10.09
C1 Y5I C . -18.77 12.33 -25.21
C9 Y5I C . -15.27 5.09 -16.67
C11 Y5I C . -12.90 6.98 -14.58
C12 Y5I C . -13.65 7.52 -13.55
N1 Y5I C . -18.52 12.38 -22.77
N2 Y5I C . -18.19 11.64 -21.61
C3 Y5I C . -17.87 10.40 -21.85
C5 Y5I C . -16.61 8.42 -21.13
C7 Y5I C . -16.59 7.68 -18.84
O1 Y5I C . -16.26 6.83 -17.83
C8 Y5I C . -15.40 5.72 -18.02
C10 Y5I C . -14.91 6.06 -15.57
O2 Y5I C . -13.47 6.14 -15.49
C13 Y5I C . -13.04 8.41 -12.69
C17 Y5I C . -11.27 12.24 -11.10
O4 Y5I C . -10.29 13.03 -11.19
F1 Y5I C . -9.80 8.77 -14.17
C19 Y5I C . -11.58 7.38 -14.80
F2 Y5I C . -17.97 8.83 -17.31
S1 Y5I C . -17.94 10.04 -23.56
H19 Y5I C . -18.53 10.29 -19.29
H16 Y5I C . -12.59 11.32 -12.37
H17 Y5I C . -11.21 11.63 -13.06
H14 Y5I C . -10.17 9.83 -12.01
H15 Y5I C . -11.40 9.62 -11.03
H5 Y5I C . -15.55 6.86 -20.38
H1 Y5I C . -18.83 11.65 -25.90
H2 Y5I C . -18.07 12.96 -25.45
H3 Y5I C . -19.61 12.80 -25.15
H8 Y5I C . -14.58 4.40 -16.71
H9 Y5I C . -16.12 4.66 -16.44
H12 Y5I C . -14.54 7.22 -13.38
H4 Y5I C . -16.26 8.36 -21.99
H6 Y5I C . -14.52 6.02 -18.35
H7 Y5I C . -15.78 5.09 -18.67
H10 Y5I C . -15.28 5.76 -14.71
H11 Y5I C . -15.28 6.96 -15.76
H13 Y5I C . -13.53 8.77 -11.97
H18 Y5I C . -11.09 7.08 -15.55
C1 GOL D . -20.89 -6.12 -23.17
O1 GOL D . -21.79 -6.03 -24.27
C2 GOL D . -19.67 -6.86 -23.65
O2 GOL D . -19.29 -6.22 -24.86
C3 GOL D . -18.50 -6.91 -22.70
O3 GOL D . -17.27 -7.30 -23.34
H11 GOL D . -21.30 -6.61 -22.43
H12 GOL D . -20.63 -5.21 -22.88
HO1 GOL D . -22.53 -5.64 -23.83
H2 GOL D . -19.94 -7.79 -23.86
HO2 GOL D . -18.43 -6.12 -24.87
H31 GOL D . -18.70 -7.55 -21.97
H32 GOL D . -18.38 -6.01 -22.30
HO3 GOL D . -17.43 -7.46 -24.15
C1 GOL E . -4.82 8.82 19.78
O1 GOL E . -3.81 8.23 18.97
C2 GOL E . -5.76 9.70 18.96
O2 GOL E . -7.06 9.73 19.53
C3 GOL E . -5.27 11.13 18.77
O3 GOL E . -5.26 11.51 17.38
H11 GOL E . -4.40 9.37 20.48
H12 GOL E . -5.35 8.11 20.21
HO1 GOL E . -3.24 7.79 19.42
H2 GOL E . -5.83 9.30 18.07
HO2 GOL E . -7.26 10.48 19.65
H31 GOL E . -4.35 11.21 19.13
H32 GOL E . -5.86 11.74 19.26
HO3 GOL E . -4.58 11.17 17.02
C1 GOL F . -23.49 -12.92 3.08
O1 GOL F . -23.63 -12.52 1.72
C2 GOL F . -23.93 -14.33 3.46
O2 GOL F . -25.31 -14.64 3.18
C3 GOL F . -23.10 -15.48 2.96
O3 GOL F . -23.46 -16.66 3.67
H11 GOL F . -23.99 -12.28 3.65
H12 GOL F . -22.54 -12.83 3.32
HO1 GOL F . -23.37 -11.72 1.62
H2 GOL F . -23.85 -14.37 4.44
HO2 GOL F . -25.31 -15.40 2.80
H31 GOL F . -22.14 -15.29 3.10
H32 GOL F . -23.25 -15.61 1.99
HO3 GOL F . -24.29 -16.83 3.51
S SO4 G . -25.76 -15.17 7.26
O1 SO4 G . -25.07 -16.42 7.23
O2 SO4 G . -27.19 -15.40 7.32
O3 SO4 G . -25.51 -14.42 6.06
O4 SO4 G . -25.36 -14.44 8.50
S SO4 H . -7.75 -19.43 5.74
O1 SO4 H . -6.58 -19.41 4.89
O2 SO4 H . -8.40 -20.70 5.58
O3 SO4 H . -7.28 -19.23 7.05
O4 SO4 H . -8.70 -18.37 5.32
S SO4 I . -20.17 -13.09 -13.08
O1 SO4 I . -19.53 -12.96 -14.37
O2 SO4 I . -21.57 -13.15 -13.27
O3 SO4 I . -19.71 -14.29 -12.46
O4 SO4 I . -19.86 -11.98 -12.25
S SO4 J . -15.82 -19.97 -2.37
O1 SO4 J . -15.05 -20.72 -3.29
O2 SO4 J . -16.91 -20.76 -1.88
O3 SO4 J . -15.02 -19.69 -1.28
O4 SO4 J . -16.29 -18.78 -3.05
C1 GOL K . 12.30 -0.98 -5.85
O1 GOL K . 11.10 -1.74 -5.83
C2 GOL K . 12.89 -0.95 -7.23
O2 GOL K . 13.62 0.25 -7.41
C3 GOL K . 13.82 -2.11 -7.51
O3 GOL K . 14.09 -2.17 -8.90
H11 GOL K . 12.95 -1.38 -5.23
H12 GOL K . 12.10 -0.06 -5.55
HO1 GOL K . 10.81 -1.75 -5.08
H2 GOL K . 12.15 -0.97 -7.90
HO2 GOL K . 14.52 -0.02 -7.56
H31 GOL K . 13.38 -2.94 -7.21
H32 GOL K . 14.66 -1.99 -7.01
HO3 GOL K . 14.37 -1.40 -9.15
S SO4 L . -10.05 -9.86 16.70
O1 SO4 L . -8.66 -9.88 16.12
O2 SO4 L . -11.01 -10.03 15.72
O3 SO4 L . -10.20 -10.91 17.64
O4 SO4 L . -10.27 -8.63 17.36
#